data_7PI4
#
_entry.id   7PI4
#
_cell.length_a   59.550
_cell.length_b   77.260
_cell.length_c   175.180
_cell.angle_alpha   90.000
_cell.angle_beta   90.000
_cell.angle_gamma   90.000
#
_symmetry.space_group_name_H-M   'P 21 21 21'
#
loop_
_entity.id
_entity.type
_entity.pdbx_description
1 polymer 'von Hippel-Lindau disease tumor suppressor'
2 polymer Elongin-B
3 polymer 'Isoform 2 of Elongin-C'
4 polymer 'Focal adhesion kinase 1'
5 non-polymer (2S,4R)-4-hydroxy-1-((S)-2-(2-(4-(3-methoxy-4-((4-((2-(methylcarbamoyl)phenyl)amino)-5-(trifluoromethyl)pyridin-2-yl)amino)phenyl)piperazin-1-yl)acetamido)-3,3-dimethylbutanoyl)-N-((S)-1-(4-(4-methylthiazol-5-yl)phenyl)ethyl)pyrrolidine-2-carboxamide
6 non-polymer DI(HYDROXYETHYL)ETHER
7 non-polymer 1,2-ETHANEDIOL
8 non-polymer 'CALCIUM ION'
9 water water
#
loop_
_entity_poly.entity_id
_entity_poly.type
_entity_poly.pdbx_seq_one_letter_code
_entity_poly.pdbx_strand_id
1 'polypeptide(L)'
;PRPVLRSVNSREPSQVIFCNRSPRVVLPVWLNFDGEPQPYPTLPPGTGRRIHSYRGHLWLFRDAGTHDGLLVNQTELFVP
SLNVDGQPIFANITLPVYTLKERCLQVVRSLVKPENYRRLDIVRSLYEDLEDHPNVQKDLERLTQERIAHQRMGD
;
AAA
2 'polypeptide(L)'
;MDVFLMIRRHKTTIFTDAKESSTVFELKRIVEGILKRPPDEQRLYKDDQLLDDGKTLGECGFTSQTARPQAPATVGLAFR
ADDTFEALCIEPFSSPPELPDVMKP
;
BBB
3 'polypeptide(L)'
;MYVKLISSDGHEFIVKREHALTSGTIKAMLSGPGQFAENETNEVNFREIPSHVLSKVCMYFTYKVRYTNSSTEIPEFPIA
PEIALELLMAANFLDC
;
CCC
4 'polypeptide(L)'
;YEIQRERIELGRCIGEGQFGDVHQGIYMSPENPALAVAIKTCKNCTSDSVREKFLQEALTMRQFDHPHIVKLIGVITENP
VWIIMELCTLGELRSFLQVRKYSLDLASLILYAYQLSTALAYLESKRFVHRDIAARNVLVSSNDCVKLGDFGLSRYMEDS
TYYKASKGKLPIKWMAPESINFRRFTSASDVWMFGVCMWEILMHGVKPFQGVKNNDVIGRIENGERLPMPPNCPPTLYSL
MTKCWAYDPSRRPRFTELKAQLSTILEEEKAQQ
;
DDD
#
# COMPACT_ATOMS: atom_id res chain seq x y z
N PRO A 1 19.93 -12.44 -19.11
CA PRO A 1 20.17 -11.10 -18.53
C PRO A 1 19.83 -11.01 -17.02
N ARG A 2 19.73 -9.77 -16.50
CA ARG A 2 19.20 -9.45 -15.13
C ARG A 2 17.82 -8.80 -15.29
N PRO A 3 16.85 -9.08 -14.38
CA PRO A 3 15.55 -8.40 -14.42
C PRO A 3 15.71 -6.87 -14.33
N VAL A 4 15.01 -6.17 -15.21
CA VAL A 4 15.08 -4.68 -15.36
C VAL A 4 14.27 -4.07 -14.23
N LEU A 5 13.17 -4.73 -13.87
CA LEU A 5 12.25 -4.30 -12.78
C LEU A 5 12.64 -5.06 -11.52
N ARG A 6 13.48 -4.41 -10.72
CA ARG A 6 13.99 -4.92 -9.43
C ARG A 6 14.30 -3.71 -8.55
N SER A 7 14.35 -3.90 -7.24
CA SER A 7 14.77 -2.82 -6.32
C SER A 7 16.30 -2.80 -6.37
N VAL A 8 16.88 -1.60 -6.24
CA VAL A 8 18.35 -1.46 -5.97
C VAL A 8 18.56 -1.52 -4.45
N ASN A 9 19.64 -2.19 -4.02
CA ASN A 9 20.01 -2.39 -2.59
C ASN A 9 20.76 -1.15 -2.12
N SER A 10 20.04 -0.05 -1.86
CA SER A 10 20.59 1.28 -1.51
C SER A 10 20.78 1.43 0.01
N ARG A 11 19.88 0.87 0.81
CA ARG A 11 19.87 1.03 2.29
C ARG A 11 19.85 2.52 2.68
N GLU A 12 19.29 3.38 1.82
CA GLU A 12 18.95 4.79 2.14
C GLU A 12 17.50 4.80 2.59
N PRO A 13 17.23 4.90 3.92
CA PRO A 13 15.85 4.84 4.40
C PRO A 13 14.98 5.88 3.69
N SER A 14 13.71 5.56 3.53
CA SER A 14 12.68 6.47 2.97
C SER A 14 11.36 6.14 3.66
N GLN A 15 10.76 7.13 4.30
CA GLN A 15 9.43 6.98 4.94
C GLN A 15 8.37 7.30 3.89
N VAL A 16 7.35 6.45 3.81
CA VAL A 16 6.31 6.50 2.77
C VAL A 16 4.94 6.37 3.44
N ILE A 17 3.95 7.09 2.95
CA ILE A 17 2.56 6.85 3.38
C ILE A 17 1.82 6.20 2.21
N PHE A 18 1.53 4.90 2.31
CA PHE A 18 0.61 4.19 1.40
C PHE A 18 -0.80 4.66 1.75
N CYS A 19 -1.41 5.47 0.86
N CYS A 19 -1.41 5.44 0.86
CA CYS A 19 -2.81 5.95 0.95
CA CYS A 19 -2.81 5.95 0.97
C CYS A 19 -3.69 5.16 -0.03
C CYS A 19 -3.71 5.19 -0.02
N ASN A 20 -4.58 4.34 0.50
CA ASN A 20 -5.56 3.59 -0.29
C ASN A 20 -6.75 4.52 -0.53
N ARG A 21 -6.69 5.31 -1.61
CA ARG A 21 -7.79 6.17 -2.11
C ARG A 21 -8.59 5.38 -3.16
N SER A 22 -8.81 4.09 -2.90
CA SER A 22 -9.61 3.21 -3.78
C SER A 22 -10.67 2.54 -2.91
N PRO A 23 -11.73 1.99 -3.50
CA PRO A 23 -12.68 1.17 -2.77
C PRO A 23 -12.24 -0.30 -2.70
N ARG A 24 -11.05 -0.63 -3.19
CA ARG A 24 -10.54 -2.04 -3.20
C ARG A 24 -9.70 -2.28 -1.93
N VAL A 25 -9.64 -3.53 -1.46
CA VAL A 25 -8.57 -3.98 -0.52
C VAL A 25 -7.29 -4.13 -1.34
N VAL A 26 -6.25 -3.38 -0.99
CA VAL A 26 -5.01 -3.21 -1.81
C VAL A 26 -3.87 -4.06 -1.25
N LEU A 27 -3.27 -4.86 -2.14
CA LEU A 27 -2.06 -5.68 -1.89
C LEU A 27 -0.86 -4.87 -2.37
N PRO A 28 -0.01 -4.34 -1.47
CA PRO A 28 1.26 -3.75 -1.87
C PRO A 28 2.19 -4.90 -2.25
N VAL A 29 2.93 -4.73 -3.33
CA VAL A 29 3.85 -5.77 -3.87
C VAL A 29 5.20 -5.09 -4.05
N TRP A 30 6.22 -5.61 -3.39
CA TRP A 30 7.62 -5.16 -3.48
C TRP A 30 8.35 -6.10 -4.45
N LEU A 31 9.09 -5.51 -5.39
CA LEU A 31 9.98 -6.27 -6.30
C LEU A 31 11.33 -6.29 -5.61
N ASN A 32 11.82 -7.48 -5.25
CA ASN A 32 13.08 -7.60 -4.49
C ASN A 32 14.24 -7.33 -5.45
N PHE A 33 15.46 -7.62 -5.01
CA PHE A 33 16.71 -7.32 -5.76
C PHE A 33 16.86 -8.27 -6.95
N ASP A 34 16.16 -9.41 -6.93
CA ASP A 34 16.08 -10.41 -8.04
C ASP A 34 14.83 -10.15 -8.89
N GLY A 35 14.14 -9.03 -8.68
CA GLY A 35 12.93 -8.63 -9.42
C GLY A 35 11.72 -9.52 -9.15
N GLU A 36 11.74 -10.37 -8.13
CA GLU A 36 10.61 -11.26 -7.76
C GLU A 36 9.61 -10.47 -6.90
N PRO A 37 8.29 -10.61 -7.14
CA PRO A 37 7.28 -9.91 -6.36
C PRO A 37 7.08 -10.51 -4.96
N GLN A 38 7.09 -9.67 -3.93
CA GLN A 38 6.82 -10.11 -2.52
C GLN A 38 5.58 -9.39 -2.00
N PRO A 39 4.55 -10.15 -1.55
CA PRO A 39 3.33 -9.54 -1.00
C PRO A 39 3.55 -8.96 0.40
N TYR A 40 3.03 -7.76 0.64
CA TYR A 40 3.02 -7.08 1.96
C TYR A 40 1.59 -7.07 2.48
N PRO A 41 1.37 -6.65 3.74
CA PRO A 41 0.03 -6.70 4.33
C PRO A 41 -0.95 -5.77 3.60
N THR A 42 -2.22 -6.19 3.53
CA THR A 42 -3.26 -5.50 2.76
C THR A 42 -3.62 -4.17 3.43
N LEU A 43 -4.15 -3.23 2.64
CA LEU A 43 -4.64 -1.89 3.04
C LEU A 43 -6.14 -1.81 2.78
N PRO A 44 -6.98 -1.64 3.82
CA PRO A 44 -8.43 -1.48 3.61
C PRO A 44 -8.71 -0.18 2.86
N PRO A 45 -9.87 -0.11 2.17
CA PRO A 45 -10.26 1.13 1.50
C PRO A 45 -10.22 2.34 2.46
N GLY A 46 -9.67 3.46 2.00
CA GLY A 46 -9.72 4.75 2.70
C GLY A 46 -8.69 4.87 3.82
N THR A 47 -7.80 3.88 3.97
CA THR A 47 -6.80 3.86 5.06
C THR A 47 -5.43 4.24 4.51
N GLY A 48 -4.76 5.15 5.20
CA GLY A 48 -3.32 5.46 5.08
C GLY A 48 -2.51 4.73 6.14
N ARG A 49 -1.21 4.58 5.89
CA ARG A 49 -0.29 3.76 6.73
C ARG A 49 1.14 4.26 6.45
N ARG A 50 1.83 4.72 7.49
CA ARG A 50 3.28 5.05 7.42
C ARG A 50 4.05 3.72 7.36
N ILE A 51 4.96 3.59 6.40
CA ILE A 51 5.76 2.34 6.17
C ILE A 51 7.20 2.75 5.87
N HIS A 52 8.12 1.83 6.15
CA HIS A 52 9.57 2.09 5.98
C HIS A 52 10.03 1.32 4.75
N SER A 53 10.51 2.05 3.75
CA SER A 53 11.15 1.55 2.51
C SER A 53 12.48 2.28 2.31
N TYR A 54 13.01 2.25 1.08
CA TYR A 54 14.38 2.70 0.74
C TYR A 54 14.34 3.35 -0.64
N ARG A 55 15.20 4.34 -0.89
CA ARG A 55 15.37 5.01 -2.20
C ARG A 55 15.63 3.94 -3.26
N GLY A 56 14.88 3.95 -4.36
CA GLY A 56 15.17 3.04 -5.50
C GLY A 56 14.54 1.68 -5.32
N HIS A 57 13.63 1.53 -4.36
CA HIS A 57 12.79 0.30 -4.20
C HIS A 57 11.57 0.41 -5.12
N LEU A 58 11.18 -0.71 -5.73
CA LEU A 58 10.06 -0.77 -6.69
C LEU A 58 8.90 -1.46 -6.00
N TRP A 59 7.74 -0.80 -6.01
CA TRP A 59 6.44 -1.28 -5.48
C TRP A 59 5.39 -1.26 -6.61
N LEU A 60 4.45 -2.20 -6.62
CA LEU A 60 3.19 -1.98 -7.37
C LEU A 60 2.03 -2.43 -6.49
N PHE A 61 0.81 -2.12 -6.92
CA PHE A 61 -0.40 -2.28 -6.09
C PHE A 61 -1.50 -2.97 -6.89
N ARG A 62 -2.18 -3.92 -6.24
CA ARG A 62 -3.22 -4.81 -6.82
C ARG A 62 -4.43 -4.91 -5.89
N ASP A 63 -5.59 -5.19 -6.45
CA ASP A 63 -6.74 -5.71 -5.68
C ASP A 63 -6.28 -7.04 -5.06
N ALA A 64 -6.38 -7.16 -3.73
CA ALA A 64 -5.98 -8.32 -2.92
C ALA A 64 -6.81 -9.56 -3.30
N GLY A 65 -8.10 -9.36 -3.60
CA GLY A 65 -9.07 -10.43 -3.91
C GLY A 65 -8.96 -10.93 -5.36
N THR A 66 -8.84 -10.01 -6.32
CA THR A 66 -9.05 -10.26 -7.77
C THR A 66 -7.76 -10.11 -8.58
N HIS A 67 -6.76 -9.38 -8.07
CA HIS A 67 -5.44 -9.09 -8.71
C HIS A 67 -5.58 -8.06 -9.83
N ASP A 68 -6.73 -7.39 -9.93
CA ASP A 68 -6.90 -6.23 -10.84
C ASP A 68 -5.76 -5.24 -10.53
N GLY A 69 -5.29 -4.53 -11.55
CA GLY A 69 -4.24 -3.50 -11.47
C GLY A 69 -4.73 -2.20 -10.84
N LEU A 70 -3.88 -1.57 -10.04
CA LEU A 70 -4.15 -0.24 -9.44
C LEU A 70 -3.05 0.73 -9.86
N LEU A 71 -3.33 2.02 -9.85
CA LEU A 71 -2.29 3.04 -10.07
C LEU A 71 -1.77 3.48 -8.70
N VAL A 72 -0.57 4.04 -8.70
CA VAL A 72 0.08 4.72 -7.56
C VAL A 72 0.62 6.04 -8.12
N ASN A 73 0.14 7.18 -7.59
CA ASN A 73 0.46 8.54 -8.09
C ASN A 73 0.29 8.56 -9.62
N GLN A 74 -0.83 8.01 -10.10
CA GLN A 74 -1.25 8.06 -11.52
C GLN A 74 -0.35 7.16 -12.40
N THR A 75 0.49 6.29 -11.86
CA THR A 75 1.31 5.38 -12.72
C THR A 75 1.30 3.97 -12.11
N GLU A 76 2.01 3.04 -12.74
CA GLU A 76 1.98 1.58 -12.43
C GLU A 76 2.98 1.25 -11.33
N LEU A 77 4.14 1.93 -11.31
CA LEU A 77 5.28 1.65 -10.39
C LEU A 77 5.49 2.83 -9.44
N PHE A 78 5.90 2.53 -8.20
CA PHE A 78 6.24 3.56 -7.17
C PHE A 78 7.67 3.32 -6.68
N VAL A 79 8.47 4.37 -6.75
CA VAL A 79 9.91 4.38 -6.36
C VAL A 79 10.09 5.46 -5.31
N PRO A 80 10.28 5.06 -4.03
CA PRO A 80 10.58 6.01 -2.95
C PRO A 80 11.87 6.77 -3.25
N SER A 81 11.88 8.07 -2.96
CA SER A 81 13.04 8.97 -3.17
C SER A 81 13.47 9.55 -1.82
N LEU A 82 14.44 10.46 -1.85
CA LEU A 82 14.97 11.16 -0.64
C LEU A 82 13.84 11.96 0.02
N ASN A 83 13.64 11.77 1.33
CA ASN A 83 12.79 12.66 2.19
C ASN A 83 13.46 14.05 2.26
N VAL A 84 12.67 15.13 2.17
CA VAL A 84 13.16 16.54 2.06
C VAL A 84 12.32 17.41 3.00
N ASP A 85 12.98 18.14 3.90
CA ASP A 85 12.37 18.92 5.02
C ASP A 85 11.76 17.94 6.04
N GLY A 86 12.18 16.66 6.00
CA GLY A 86 11.61 15.56 6.82
C GLY A 86 10.21 15.16 6.37
N GLN A 87 9.83 15.49 5.13
CA GLN A 87 8.47 15.29 4.56
C GLN A 87 8.36 13.86 4.04
N PRO A 88 7.43 13.03 4.57
CA PRO A 88 7.20 11.69 4.03
C PRO A 88 6.65 11.71 2.60
N ILE A 89 7.02 10.70 1.81
CA ILE A 89 6.58 10.54 0.39
C ILE A 89 5.18 9.90 0.38
N PHE A 90 4.19 10.57 -0.25
CA PHE A 90 2.82 10.05 -0.47
C PHE A 90 2.80 9.09 -1.66
N ALA A 91 2.21 7.91 -1.44
CA ALA A 91 1.88 6.90 -2.47
C ALA A 91 0.34 6.83 -2.59
N ASN A 92 -0.24 7.69 -3.43
CA ASN A 92 -1.69 7.82 -3.65
C ASN A 92 -2.13 6.65 -4.53
N ILE A 93 -2.73 5.63 -3.92
CA ILE A 93 -3.18 4.42 -4.63
C ILE A 93 -4.62 4.66 -5.06
N THR A 94 -4.91 4.50 -6.36
CA THR A 94 -6.23 4.74 -6.99
C THR A 94 -6.56 3.60 -7.96
N LEU A 95 -7.85 3.41 -8.21
CA LEU A 95 -8.34 2.70 -9.42
C LEU A 95 -7.72 3.40 -10.63
N PRO A 96 -7.31 2.65 -11.67
CA PRO A 96 -7.15 3.27 -12.98
C PRO A 96 -8.56 3.45 -13.56
N VAL A 97 -8.69 4.24 -14.60
CA VAL A 97 -9.85 4.12 -15.51
C VAL A 97 -9.65 2.86 -16.35
N TYR A 98 -10.28 1.77 -15.96
CA TYR A 98 -10.26 0.50 -16.72
C TYR A 98 -10.98 0.76 -18.05
N THR A 99 -10.62 0.06 -19.13
CA THR A 99 -11.45 0.06 -20.36
C THR A 99 -12.83 -0.42 -19.95
N LEU A 100 -13.89 -0.01 -20.65
CA LEU A 100 -15.24 -0.56 -20.37
C LEU A 100 -15.23 -2.09 -20.44
N LYS A 101 -14.54 -2.66 -21.42
CA LYS A 101 -14.48 -4.14 -21.60
C LYS A 101 -13.88 -4.80 -20.36
N GLU A 102 -12.69 -4.38 -19.94
CA GLU A 102 -12.04 -4.92 -18.71
C GLU A 102 -12.95 -4.73 -17.48
N ARG A 103 -13.61 -3.59 -17.31
CA ARG A 103 -14.48 -3.38 -16.13
C ARG A 103 -15.63 -4.39 -16.19
N CYS A 104 -16.18 -4.64 -17.37
CA CYS A 104 -17.27 -5.62 -17.61
C CYS A 104 -16.80 -7.03 -17.26
N LEU A 105 -15.56 -7.37 -17.60
CA LEU A 105 -14.97 -8.71 -17.33
C LEU A 105 -14.81 -8.88 -15.81
N GLN A 106 -14.38 -7.83 -15.10
CA GLN A 106 -14.25 -7.83 -13.61
C GLN A 106 -15.61 -8.19 -12.98
N VAL A 107 -16.67 -7.57 -13.45
CA VAL A 107 -18.03 -7.72 -12.88
C VAL A 107 -18.55 -9.12 -13.19
N VAL A 108 -18.40 -9.62 -14.42
CA VAL A 108 -18.93 -10.96 -14.76
C VAL A 108 -18.11 -11.97 -13.94
N ARG A 109 -16.78 -11.77 -13.84
CA ARG A 109 -15.90 -12.67 -13.02
C ARG A 109 -16.39 -12.71 -11.57
N SER A 110 -16.77 -11.57 -10.97
CA SER A 110 -17.21 -11.47 -9.55
C SER A 110 -18.59 -12.12 -9.34
N LEU A 111 -19.35 -12.37 -10.40
CA LEU A 111 -20.73 -12.92 -10.33
C LEU A 111 -20.79 -14.40 -10.72
N VAL A 112 -19.86 -14.87 -11.57
CA VAL A 112 -19.94 -16.22 -12.18
C VAL A 112 -18.71 -17.01 -11.77
N LYS A 113 -18.91 -18.20 -11.20
CA LYS A 113 -17.82 -19.17 -10.92
C LYS A 113 -17.17 -19.54 -12.24
N PRO A 114 -15.82 -19.64 -12.30
CA PRO A 114 -15.14 -19.94 -13.55
C PRO A 114 -15.68 -21.18 -14.29
N GLU A 115 -16.09 -22.22 -13.55
CA GLU A 115 -16.61 -23.49 -14.15
C GLU A 115 -17.94 -23.21 -14.88
N ASN A 116 -18.51 -22.01 -14.71
CA ASN A 116 -19.83 -21.63 -15.29
C ASN A 116 -19.66 -20.58 -16.39
N TYR A 117 -18.44 -20.14 -16.71
CA TYR A 117 -18.22 -19.13 -17.76
C TYR A 117 -18.89 -19.62 -19.05
N ARG A 118 -18.83 -20.93 -19.28
CA ARG A 118 -19.23 -21.59 -20.56
C ARG A 118 -20.75 -21.73 -20.64
N ARG A 119 -21.46 -21.48 -19.55
CA ARG A 119 -22.95 -21.44 -19.56
C ARG A 119 -23.42 -20.05 -20.04
N LEU A 120 -22.54 -19.04 -20.09
CA LEU A 120 -22.97 -17.67 -20.46
C LEU A 120 -23.20 -17.62 -21.97
N ASP A 121 -24.24 -16.91 -22.40
CA ASP A 121 -24.61 -16.77 -23.83
C ASP A 121 -23.78 -15.65 -24.47
N ILE A 122 -22.50 -15.92 -24.74
CA ILE A 122 -21.57 -14.96 -25.39
C ILE A 122 -20.63 -15.76 -26.30
N VAL A 123 -19.91 -15.07 -27.19
CA VAL A 123 -19.01 -15.72 -28.17
C VAL A 123 -17.77 -16.26 -27.44
N ARG A 124 -17.10 -17.20 -28.08
CA ARG A 124 -15.96 -17.95 -27.49
C ARG A 124 -14.84 -16.98 -27.12
N SER A 125 -14.61 -15.94 -27.92
CA SER A 125 -13.52 -14.96 -27.71
C SER A 125 -13.67 -14.35 -26.30
N LEU A 126 -14.92 -14.16 -25.83
CA LEU A 126 -15.18 -13.58 -24.48
C LEU A 126 -15.06 -14.62 -23.35
N TYR A 127 -15.38 -15.90 -23.59
CA TYR A 127 -15.05 -16.99 -22.64
C TYR A 127 -13.55 -16.92 -22.35
N GLU A 128 -12.74 -16.85 -23.40
CA GLU A 128 -11.26 -16.79 -23.28
C GLU A 128 -10.86 -15.53 -22.52
N ASP A 129 -11.53 -14.40 -22.78
CA ASP A 129 -11.20 -13.11 -22.10
C ASP A 129 -11.54 -13.23 -20.62
N LEU A 130 -12.68 -13.83 -20.26
CA LEU A 130 -13.05 -14.06 -18.85
C LEU A 130 -11.99 -14.90 -18.13
N GLU A 131 -11.47 -15.92 -18.82
CA GLU A 131 -10.50 -16.91 -18.24
C GLU A 131 -9.10 -16.32 -18.12
N ASP A 132 -8.81 -15.27 -18.86
CA ASP A 132 -7.50 -14.58 -18.82
C ASP A 132 -7.47 -13.58 -17.64
N HIS A 133 -7.49 -14.12 -16.42
CA HIS A 133 -7.50 -13.36 -15.14
C HIS A 133 -6.27 -12.46 -15.08
N PRO A 134 -6.39 -11.25 -14.51
CA PRO A 134 -5.23 -10.44 -14.17
C PRO A 134 -4.27 -11.25 -13.27
N ASN A 135 -2.97 -11.03 -13.40
CA ASN A 135 -1.94 -11.58 -12.46
C ASN A 135 -0.66 -10.77 -12.63
N VAL A 136 0.05 -10.64 -11.52
CA VAL A 136 1.26 -9.80 -11.35
C VAL A 136 2.31 -10.20 -12.39
N GLN A 137 2.49 -11.49 -12.65
CA GLN A 137 3.59 -12.01 -13.50
C GLN A 137 3.40 -11.49 -14.92
N LYS A 138 2.19 -11.65 -15.44
CA LYS A 138 1.75 -11.10 -16.75
C LYS A 138 2.01 -9.60 -16.76
N ASP A 139 1.70 -8.86 -15.68
CA ASP A 139 1.87 -7.38 -15.68
C ASP A 139 3.35 -7.02 -15.58
N LEU A 140 4.15 -7.82 -14.90
CA LEU A 140 5.61 -7.61 -14.82
C LEU A 140 6.22 -7.83 -16.20
N GLU A 141 5.86 -8.93 -16.88
CA GLU A 141 6.26 -9.19 -18.29
C GLU A 141 5.96 -7.93 -19.10
N ARG A 142 4.72 -7.47 -19.10
CA ARG A 142 4.25 -6.30 -19.87
C ARG A 142 5.06 -5.05 -19.49
N LEU A 143 5.22 -4.80 -18.18
CA LEU A 143 5.90 -3.56 -17.71
C LEU A 143 7.38 -3.62 -18.11
N THR A 144 8.02 -4.80 -18.05
CA THR A 144 9.41 -5.04 -18.49
C THR A 144 9.56 -4.68 -19.97
N GLN A 145 8.67 -5.21 -20.82
CA GLN A 145 8.65 -4.90 -22.27
C GLN A 145 8.56 -3.39 -22.48
N GLU A 146 7.63 -2.71 -21.82
CA GLU A 146 7.38 -1.26 -22.00
C GLU A 146 8.62 -0.46 -21.57
N ARG A 147 9.36 -0.94 -20.58
CA ARG A 147 10.60 -0.27 -20.07
C ARG A 147 11.71 -0.53 -21.08
N ILE A 148 11.88 -1.78 -21.53
CA ILE A 148 12.92 -2.15 -22.55
C ILE A 148 12.68 -1.33 -23.81
N ALA A 149 11.44 -1.27 -24.27
CA ALA A 149 11.06 -0.45 -25.45
C ALA A 149 11.43 1.01 -25.19
N HIS A 150 10.98 1.57 -24.07
CA HIS A 150 11.12 3.01 -23.74
C HIS A 150 12.61 3.40 -23.77
N GLN A 151 13.50 2.59 -23.18
CA GLN A 151 14.96 2.83 -23.08
C GLN A 151 15.62 2.77 -24.47
N ARG A 152 14.95 2.17 -25.45
CA ARG A 152 15.49 2.04 -26.84
C ARG A 152 14.97 3.16 -27.74
N MET A 153 14.04 3.99 -27.27
CA MET A 153 13.49 5.09 -28.12
C MET A 153 14.61 6.12 -28.34
N GLY A 154 14.72 6.66 -29.56
CA GLY A 154 15.77 7.62 -29.95
C GLY A 154 16.99 6.94 -30.57
N ASP A 155 17.78 7.72 -31.32
CA ASP A 155 18.90 7.23 -32.14
C ASP A 155 19.90 8.39 -32.34
N MET B 1 -18.99 22.75 -7.87
CA MET B 1 -18.67 21.37 -8.23
C MET B 1 -19.33 21.05 -9.59
N ASP B 2 -18.70 20.18 -10.38
CA ASP B 2 -19.24 19.68 -11.66
C ASP B 2 -20.39 18.71 -11.39
N VAL B 3 -21.43 18.82 -12.19
CA VAL B 3 -22.60 17.88 -12.22
C VAL B 3 -22.72 17.33 -13.63
N PHE B 4 -23.15 16.09 -13.72
CA PHE B 4 -23.25 15.33 -14.99
C PHE B 4 -24.71 14.94 -15.14
N LEU B 5 -25.28 15.29 -16.29
CA LEU B 5 -26.74 15.31 -16.54
C LEU B 5 -27.05 14.52 -17.81
N MET B 6 -28.24 13.94 -17.80
CA MET B 6 -28.95 13.48 -18.99
C MET B 6 -30.17 14.40 -19.14
N ILE B 7 -30.22 15.15 -20.22
CA ILE B 7 -31.37 16.05 -20.53
C ILE B 7 -32.22 15.28 -21.53
N ARG B 8 -33.45 14.99 -21.16
CA ARG B 8 -34.24 13.92 -21.79
C ARG B 8 -35.59 14.47 -22.23
N ARG B 9 -35.86 14.32 -23.53
CA ARG B 9 -37.14 14.71 -24.16
C ARG B 9 -37.53 13.61 -25.14
N HIS B 10 -38.70 13.01 -24.99
CA HIS B 10 -39.19 11.97 -25.92
C HIS B 10 -38.12 10.86 -25.96
N LYS B 11 -37.49 10.63 -27.11
CA LYS B 11 -36.42 9.60 -27.32
C LYS B 11 -35.05 10.28 -27.44
N THR B 12 -34.95 11.55 -27.07
CA THR B 12 -33.69 12.34 -27.13
C THR B 12 -33.09 12.45 -25.72
N THR B 13 -31.80 12.15 -25.61
CA THR B 13 -30.99 12.24 -24.38
C THR B 13 -29.71 12.99 -24.75
N ILE B 14 -29.52 14.16 -24.17
CA ILE B 14 -28.23 14.89 -24.23
C ILE B 14 -27.42 14.53 -22.99
N PHE B 15 -26.17 14.14 -23.18
CA PHE B 15 -25.16 13.98 -22.11
C PHE B 15 -24.33 15.26 -22.05
N THR B 16 -24.46 16.01 -20.97
CA THR B 16 -23.68 17.25 -20.76
C THR B 16 -23.33 17.44 -19.29
N ASP B 17 -22.27 18.21 -19.04
CA ASP B 17 -21.87 18.63 -17.68
C ASP B 17 -22.24 20.11 -17.52
N ALA B 18 -22.34 20.57 -16.28
CA ALA B 18 -22.48 22.00 -15.93
C ALA B 18 -21.93 22.10 -14.52
N LYS B 19 -22.24 23.18 -13.80
CA LYS B 19 -21.83 23.37 -12.39
C LYS B 19 -23.05 23.39 -11.49
N GLU B 20 -22.85 23.01 -10.24
CA GLU B 20 -23.83 23.23 -9.15
C GLU B 20 -24.27 24.69 -9.24
N SER B 21 -23.29 25.59 -9.45
CA SER B 21 -23.47 27.06 -9.38
C SER B 21 -24.02 27.61 -10.70
N SER B 22 -24.15 26.81 -11.77
CA SER B 22 -24.83 27.31 -12.99
C SER B 22 -26.35 27.33 -12.73
N THR B 23 -27.04 28.24 -13.40
CA THR B 23 -28.49 28.45 -13.23
C THR B 23 -29.22 27.49 -14.18
N VAL B 24 -30.50 27.30 -13.94
CA VAL B 24 -31.40 26.60 -14.89
C VAL B 24 -31.31 27.29 -16.23
N PHE B 25 -31.27 28.63 -16.24
CA PHE B 25 -31.27 29.42 -17.48
C PHE B 25 -30.01 29.10 -18.30
N GLU B 26 -28.85 28.94 -17.65
CA GLU B 26 -27.58 28.61 -18.33
C GLU B 26 -27.64 27.19 -18.91
N LEU B 27 -28.31 26.25 -18.25
CA LEU B 27 -28.52 24.88 -18.78
C LEU B 27 -29.36 24.98 -20.05
N LYS B 28 -30.38 25.85 -20.03
CA LYS B 28 -31.25 26.11 -21.21
C LYS B 28 -30.41 26.66 -22.36
N ARG B 29 -29.39 27.49 -22.07
CA ARG B 29 -28.45 28.01 -23.10
C ARG B 29 -27.64 26.86 -23.71
N ILE B 30 -27.21 25.90 -22.88
CA ILE B 30 -26.52 24.66 -23.38
C ILE B 30 -27.50 23.89 -24.27
N VAL B 31 -28.75 23.69 -23.86
CA VAL B 31 -29.71 22.92 -24.71
C VAL B 31 -29.89 23.65 -26.04
N GLU B 32 -30.02 24.98 -25.99
CA GLU B 32 -30.20 25.82 -27.21
C GLU B 32 -29.03 25.62 -28.17
N GLY B 33 -27.79 25.64 -27.68
CA GLY B 33 -26.62 25.38 -28.54
C GLY B 33 -26.76 24.04 -29.26
N ILE B 34 -27.44 23.07 -28.65
CA ILE B 34 -27.48 21.68 -29.18
C ILE B 34 -28.75 21.46 -30.01
N LEU B 35 -29.92 21.83 -29.49
CA LEU B 35 -31.23 21.51 -30.13
C LEU B 35 -31.82 22.75 -30.80
N LYS B 36 -31.12 23.90 -30.76
CA LYS B 36 -31.53 25.14 -31.47
C LYS B 36 -32.95 25.56 -31.10
N ARG B 37 -33.35 25.45 -29.83
CA ARG B 37 -34.61 26.05 -29.31
C ARG B 37 -34.21 26.94 -28.14
N PRO B 38 -34.66 28.21 -28.13
CA PRO B 38 -34.19 29.15 -27.11
C PRO B 38 -34.83 28.89 -25.75
N PRO B 39 -34.19 29.40 -24.67
CA PRO B 39 -34.62 29.12 -23.30
C PRO B 39 -36.10 29.38 -23.03
N ASP B 40 -36.64 30.46 -23.59
CA ASP B 40 -38.07 30.86 -23.42
C ASP B 40 -38.97 29.81 -24.10
N GLU B 41 -38.45 28.93 -24.97
CA GLU B 41 -39.24 27.82 -25.58
C GLU B 41 -38.98 26.48 -24.87
N GLN B 42 -38.25 26.48 -23.75
CA GLN B 42 -37.91 25.26 -22.99
C GLN B 42 -38.52 25.31 -21.59
N ARG B 43 -38.97 24.17 -21.08
CA ARG B 43 -39.18 23.95 -19.62
C ARG B 43 -38.28 22.79 -19.22
N LEU B 44 -37.53 22.97 -18.14
CA LEU B 44 -36.71 21.92 -17.49
C LEU B 44 -37.39 21.50 -16.19
N TYR B 45 -37.33 20.20 -15.91
CA TYR B 45 -37.99 19.53 -14.78
C TYR B 45 -36.98 18.64 -14.06
N LYS B 46 -37.08 18.61 -12.73
CA LYS B 46 -36.57 17.51 -11.89
C LYS B 46 -37.78 16.68 -11.47
N ASP B 47 -37.88 15.45 -11.97
CA ASP B 47 -39.10 14.60 -11.88
C ASP B 47 -40.28 15.40 -12.46
N ASP B 48 -41.33 15.67 -11.68
CA ASP B 48 -42.49 16.48 -12.14
C ASP B 48 -42.27 17.97 -11.81
N GLN B 49 -41.18 18.34 -11.13
CA GLN B 49 -41.06 19.72 -10.58
C GLN B 49 -40.50 20.64 -11.67
N LEU B 50 -41.30 21.61 -12.12
CA LEU B 50 -40.83 22.66 -13.06
C LEU B 50 -39.74 23.45 -12.36
N LEU B 51 -38.60 23.68 -13.02
CA LEU B 51 -37.43 24.42 -12.47
C LEU B 51 -37.46 25.90 -12.91
N ASP B 52 -37.30 26.80 -11.95
CA ASP B 52 -37.21 28.27 -12.20
C ASP B 52 -35.86 28.59 -12.82
N ASP B 53 -35.84 29.52 -13.78
CA ASP B 53 -34.64 30.01 -14.52
C ASP B 53 -33.53 30.51 -13.60
N GLY B 54 -33.88 31.13 -12.46
CA GLY B 54 -32.92 31.81 -11.55
C GLY B 54 -32.22 30.85 -10.60
N LYS B 55 -32.77 29.67 -10.32
CA LYS B 55 -32.16 28.72 -9.33
C LYS B 55 -30.88 28.14 -9.91
N THR B 56 -29.93 27.79 -9.04
CA THR B 56 -28.72 27.07 -9.44
C THR B 56 -29.13 25.61 -9.61
N LEU B 57 -28.37 24.86 -10.42
CA LEU B 57 -28.61 23.40 -10.51
C LEU B 57 -28.45 22.80 -9.12
N GLY B 58 -27.48 23.29 -8.34
CA GLY B 58 -27.21 22.75 -6.99
C GLY B 58 -28.41 22.97 -6.08
N GLU B 59 -28.99 24.17 -6.15
CA GLU B 59 -30.21 24.55 -5.40
C GLU B 59 -31.39 23.65 -5.80
N CYS B 60 -31.40 23.08 -7.01
CA CYS B 60 -32.48 22.19 -7.50
C CYS B 60 -32.24 20.75 -7.05
N GLY B 61 -31.07 20.49 -6.45
CA GLY B 61 -30.70 19.16 -5.92
C GLY B 61 -29.90 18.35 -6.91
N PHE B 62 -29.23 19.00 -7.86
CA PHE B 62 -28.24 18.35 -8.77
C PHE B 62 -26.87 18.64 -8.20
N THR B 63 -26.28 17.66 -7.52
CA THR B 63 -25.01 17.79 -6.76
C THR B 63 -23.98 16.80 -7.27
N SER B 64 -22.74 17.00 -6.83
CA SER B 64 -21.60 16.12 -7.07
C SER B 64 -21.98 14.68 -6.73
N GLN B 65 -22.89 14.46 -5.76
CA GLN B 65 -23.27 13.12 -5.25
C GLN B 65 -24.46 12.53 -6.02
N THR B 66 -25.37 13.35 -6.58
CA THR B 66 -26.62 12.86 -7.24
C THR B 66 -26.53 12.92 -8.78
N ALA B 67 -25.45 13.51 -9.32
CA ALA B 67 -25.22 13.81 -10.75
C ALA B 67 -23.75 13.53 -11.10
N ARG B 68 -23.39 12.24 -11.15
CA ARG B 68 -21.98 11.78 -11.30
C ARG B 68 -21.73 11.37 -12.75
N PRO B 69 -20.48 11.44 -13.22
CA PRO B 69 -20.17 11.11 -14.62
C PRO B 69 -20.66 9.70 -15.01
N GLN B 70 -20.50 8.76 -14.07
CA GLN B 70 -20.83 7.32 -14.24
C GLN B 70 -22.29 7.06 -13.88
N ALA B 71 -22.98 8.07 -13.34
CA ALA B 71 -24.41 7.97 -12.94
C ALA B 71 -25.05 9.35 -13.04
N PRO B 72 -25.24 9.92 -14.24
CA PRO B 72 -25.75 11.29 -14.36
C PRO B 72 -27.20 11.39 -13.91
N ALA B 73 -27.62 12.59 -13.48
CA ALA B 73 -29.01 12.84 -13.04
C ALA B 73 -29.82 13.16 -14.28
N THR B 74 -31.10 12.86 -14.25
CA THR B 74 -32.02 13.15 -15.36
C THR B 74 -32.63 14.54 -15.16
N VAL B 75 -32.60 15.36 -16.21
CA VAL B 75 -33.41 16.61 -16.31
C VAL B 75 -34.43 16.42 -17.44
N GLY B 76 -35.71 16.51 -17.12
CA GLY B 76 -36.79 16.46 -18.14
C GLY B 76 -36.89 17.77 -18.91
N LEU B 77 -37.19 17.68 -20.21
CA LEU B 77 -37.25 18.83 -21.14
C LEU B 77 -38.52 18.74 -21.97
N ALA B 78 -39.24 19.85 -22.01
CA ALA B 78 -40.46 20.05 -22.84
C ALA B 78 -40.30 21.37 -23.60
N PHE B 79 -40.63 21.35 -24.88
CA PHE B 79 -40.57 22.53 -25.78
C PHE B 79 -42.00 23.09 -25.94
N ARG B 80 -42.08 24.39 -26.19
CA ARG B 80 -43.33 25.05 -26.66
C ARG B 80 -43.78 24.37 -27.96
N ALA B 81 -45.05 24.01 -28.05
CA ALA B 81 -45.69 23.51 -29.28
C ALA B 81 -46.15 24.75 -30.05
N ASP B 82 -47.35 25.25 -29.81
CA ASP B 82 -47.83 26.48 -30.50
C ASP B 82 -47.79 27.64 -29.49
N ASP B 83 -48.91 27.96 -28.84
CA ASP B 83 -49.06 29.03 -27.82
C ASP B 83 -48.87 28.43 -26.42
N THR B 84 -48.66 27.12 -26.33
CA THR B 84 -48.54 26.38 -25.05
C THR B 84 -47.38 25.38 -25.13
N PHE B 85 -46.97 24.85 -23.99
CA PHE B 85 -45.87 23.86 -23.86
C PHE B 85 -46.48 22.47 -24.03
N GLU B 86 -45.77 21.59 -24.73
CA GLU B 86 -46.10 20.15 -24.75
C GLU B 86 -45.97 19.63 -23.32
N ALA B 87 -46.69 18.56 -23.00
CA ALA B 87 -46.54 17.87 -21.70
C ALA B 87 -45.14 17.24 -21.65
N LEU B 88 -44.52 17.16 -20.48
CA LEU B 88 -43.25 16.41 -20.25
C LEU B 88 -43.50 14.94 -20.61
N CYS B 89 -42.84 14.42 -21.66
CA CYS B 89 -42.93 13.01 -22.13
C CYS B 89 -41.53 12.43 -22.36
N ILE B 90 -41.08 11.56 -21.47
CA ILE B 90 -39.78 10.84 -21.60
C ILE B 90 -40.04 9.36 -21.87
N GLU B 91 -39.65 8.88 -23.05
CA GLU B 91 -39.72 7.42 -23.37
C GLU B 91 -38.68 6.69 -22.51
N PRO B 92 -39.06 5.67 -21.73
CA PRO B 92 -38.07 4.86 -21.01
C PRO B 92 -37.12 4.17 -21.99
N PHE B 93 -35.89 3.93 -21.53
CA PHE B 93 -34.89 3.06 -22.17
C PHE B 93 -35.44 1.63 -22.16
N SER B 94 -35.00 0.78 -23.09
CA SER B 94 -35.29 -0.67 -23.12
C SER B 94 -34.94 -1.29 -21.76
N SER B 95 -35.35 -2.53 -21.50
CA SER B 95 -34.97 -3.18 -20.22
C SER B 95 -34.14 -4.44 -20.52
N PRO B 96 -33.22 -4.82 -19.61
CA PRO B 96 -32.40 -6.01 -19.82
C PRO B 96 -33.21 -7.31 -19.82
N PRO B 97 -32.66 -8.41 -20.34
CA PRO B 97 -33.26 -9.72 -20.11
C PRO B 97 -33.23 -10.12 -18.62
N GLU B 98 -33.96 -11.19 -18.28
CA GLU B 98 -33.85 -11.92 -17.00
C GLU B 98 -32.36 -12.20 -16.72
N LEU B 99 -31.96 -12.06 -15.45
CA LEU B 99 -30.60 -12.41 -15.00
C LEU B 99 -30.39 -13.91 -15.21
N PRO B 100 -29.38 -14.33 -16.01
CA PRO B 100 -29.07 -15.75 -16.15
C PRO B 100 -28.82 -16.43 -14.80
N ASP B 101 -29.12 -17.73 -14.71
CA ASP B 101 -29.07 -18.52 -13.45
C ASP B 101 -27.64 -18.49 -12.90
N VAL B 102 -26.64 -18.59 -13.76
CA VAL B 102 -25.23 -18.69 -13.31
C VAL B 102 -24.76 -17.34 -12.74
N MET B 103 -25.58 -16.29 -12.82
CA MET B 103 -25.20 -14.95 -12.28
C MET B 103 -25.97 -14.60 -11.00
N LYS B 104 -26.74 -15.54 -10.44
CA LYS B 104 -27.42 -15.39 -9.11
C LYS B 104 -26.57 -16.10 -8.05
N PRO B 105 -26.73 -15.79 -6.74
CA PRO B 105 -26.36 -16.72 -5.66
C PRO B 105 -27.46 -17.77 -5.45
N MET C 1 -18.14 20.39 -30.77
CA MET C 1 -19.09 19.64 -31.62
C MET C 1 -19.67 18.45 -30.82
N TYR C 2 -20.96 18.20 -30.99
CA TYR C 2 -21.67 17.02 -30.44
C TYR C 2 -21.90 16.00 -31.57
N VAL C 3 -22.09 14.73 -31.22
CA VAL C 3 -22.49 13.67 -32.19
C VAL C 3 -23.74 12.99 -31.66
N LYS C 4 -24.54 12.46 -32.57
CA LYS C 4 -25.77 11.69 -32.25
C LYS C 4 -25.44 10.20 -32.40
N LEU C 5 -25.69 9.42 -31.35
CA LEU C 5 -25.54 7.94 -31.37
C LEU C 5 -26.96 7.41 -31.30
N ILE C 6 -27.38 6.58 -32.25
CA ILE C 6 -28.79 6.09 -32.31
C ILE C 6 -28.78 4.61 -31.95
N SER C 7 -29.59 4.22 -30.97
CA SER C 7 -29.73 2.85 -30.46
C SER C 7 -30.65 2.07 -31.41
N SER C 8 -30.74 0.75 -31.20
CA SER C 8 -31.50 -0.21 -32.04
C SER C 8 -32.99 0.12 -31.97
N ASP C 9 -33.48 0.58 -30.81
CA ASP C 9 -34.90 0.95 -30.54
C ASP C 9 -35.15 2.46 -30.80
N GLY C 10 -34.25 3.17 -31.49
CA GLY C 10 -34.46 4.54 -32.03
C GLY C 10 -34.11 5.67 -31.05
N HIS C 11 -33.56 5.41 -29.87
CA HIS C 11 -33.17 6.49 -28.91
C HIS C 11 -31.98 7.27 -29.45
N GLU C 12 -32.06 8.60 -29.42
CA GLU C 12 -30.97 9.50 -29.85
C GLU C 12 -30.19 9.94 -28.60
N PHE C 13 -28.91 9.63 -28.55
CA PHE C 13 -27.96 10.06 -27.50
C PHE C 13 -27.04 11.08 -28.17
N ILE C 14 -27.10 12.31 -27.67
CA ILE C 14 -26.22 13.43 -28.10
C ILE C 14 -25.11 13.58 -27.08
N VAL C 15 -23.86 13.47 -27.53
CA VAL C 15 -22.68 13.41 -26.63
C VAL C 15 -21.61 14.20 -27.35
N LYS C 16 -20.65 14.73 -26.60
CA LYS C 16 -19.49 15.47 -27.15
C LYS C 16 -18.68 14.54 -28.05
N ARG C 17 -18.24 15.05 -29.20
CA ARG C 17 -17.44 14.30 -30.20
C ARG C 17 -16.28 13.61 -29.46
N GLU C 18 -15.55 14.39 -28.66
CA GLU C 18 -14.39 13.94 -27.85
C GLU C 18 -14.77 12.71 -27.02
N HIS C 19 -15.97 12.70 -26.45
CA HIS C 19 -16.42 11.60 -25.56
C HIS C 19 -16.61 10.33 -26.42
N ALA C 20 -17.35 10.45 -27.53
CA ALA C 20 -17.67 9.35 -28.47
C ALA C 20 -16.39 8.74 -29.04
N LEU C 21 -15.34 9.52 -29.21
CA LEU C 21 -14.07 9.08 -29.85
C LEU C 21 -13.29 8.16 -28.91
N THR C 22 -13.72 8.06 -27.65
CA THR C 22 -13.25 7.03 -26.67
C THR C 22 -13.39 5.63 -27.29
N SER C 23 -14.44 5.38 -28.09
CA SER C 23 -14.68 4.10 -28.80
C SER C 23 -13.93 4.14 -30.13
N GLY C 24 -13.03 3.20 -30.37
CA GLY C 24 -12.31 3.03 -31.65
C GLY C 24 -13.27 2.71 -32.79
N THR C 25 -14.37 1.99 -32.53
CA THR C 25 -15.39 1.69 -33.56
C THR C 25 -16.08 3.01 -33.97
N ILE C 26 -16.50 3.82 -33.00
CA ILE C 26 -17.17 5.12 -33.31
C ILE C 26 -16.15 6.00 -34.03
N LYS C 27 -14.91 6.01 -33.56
CA LYS C 27 -13.83 6.80 -34.23
C LYS C 27 -13.74 6.35 -35.69
N ALA C 28 -13.76 5.04 -35.97
CA ALA C 28 -13.61 4.50 -37.34
C ALA C 28 -14.85 4.87 -38.18
N MET C 29 -16.03 4.93 -37.57
CA MET C 29 -17.29 5.22 -38.30
C MET C 29 -17.38 6.71 -38.66
N LEU C 30 -16.63 7.58 -37.97
CA LEU C 30 -16.72 9.05 -38.13
C LEU C 30 -15.58 9.62 -38.99
N SER C 31 -14.57 8.83 -39.34
CA SER C 31 -13.38 9.29 -40.12
C SER C 31 -13.53 8.94 -41.62
N GLY C 32 -13.83 7.68 -41.93
CA GLY C 32 -13.86 7.08 -43.28
C GLY C 32 -14.75 7.84 -44.26
N PRO C 33 -16.01 8.20 -43.89
CA PRO C 33 -16.91 8.93 -44.80
C PRO C 33 -16.33 10.23 -45.38
N GLY C 34 -16.19 10.29 -46.71
CA GLY C 34 -15.63 11.44 -47.46
C GLY C 34 -16.62 12.57 -47.59
N ASN C 42 -22.45 15.06 -36.94
CA ASN C 42 -22.27 13.67 -37.41
C ASN C 42 -23.10 12.71 -36.55
N GLU C 43 -23.48 11.58 -37.12
CA GLU C 43 -24.57 10.71 -36.64
C GLU C 43 -24.21 9.25 -36.89
N VAL C 44 -24.27 8.42 -35.86
CA VAL C 44 -23.92 6.98 -35.94
C VAL C 44 -25.13 6.17 -35.50
N ASN C 45 -25.45 5.16 -36.29
CA ASN C 45 -26.61 4.27 -36.06
C ASN C 45 -26.07 2.90 -35.63
N PHE C 46 -26.66 2.34 -34.57
CA PHE C 46 -26.30 1.00 -34.05
C PHE C 46 -27.56 0.13 -33.98
N ARG C 47 -27.73 -0.70 -34.99
CA ARG C 47 -28.94 -1.55 -35.17
C ARG C 47 -28.98 -2.66 -34.11
N GLU C 48 -27.86 -2.98 -33.45
CA GLU C 48 -27.75 -4.17 -32.56
C GLU C 48 -27.50 -3.79 -31.08
N ILE C 49 -27.42 -2.49 -30.73
CA ILE C 49 -27.18 -2.00 -29.34
C ILE C 49 -28.43 -1.26 -28.87
N PRO C 50 -29.14 -1.79 -27.86
CA PRO C 50 -30.35 -1.15 -27.37
C PRO C 50 -30.04 -0.04 -26.35
N SER C 51 -31.06 0.75 -26.05
CA SER C 51 -30.92 2.10 -25.48
C SER C 51 -30.42 1.99 -24.04
N HIS C 52 -30.85 0.97 -23.29
CA HIS C 52 -30.37 0.74 -21.90
C HIS C 52 -28.87 0.43 -21.93
N VAL C 53 -28.35 -0.10 -23.03
CA VAL C 53 -26.90 -0.45 -23.08
C VAL C 53 -26.16 0.79 -23.54
N LEU C 54 -26.66 1.48 -24.55
CA LEU C 54 -25.96 2.59 -25.22
C LEU C 54 -25.92 3.79 -24.26
N SER C 55 -26.95 3.97 -23.42
CA SER C 55 -26.99 4.99 -22.35
C SER C 55 -25.83 4.76 -21.38
N LYS C 56 -25.67 3.50 -20.96
CA LYS C 56 -24.56 3.11 -20.05
C LYS C 56 -23.18 3.31 -20.70
N VAL C 57 -23.04 2.98 -22.00
CA VAL C 57 -21.78 3.23 -22.75
C VAL C 57 -21.47 4.73 -22.71
N CYS C 58 -22.46 5.61 -22.94
CA CYS C 58 -22.30 7.08 -22.91
C CYS C 58 -21.90 7.54 -21.50
N MET C 59 -22.50 6.95 -20.47
CA MET C 59 -22.04 7.20 -19.08
C MET C 59 -20.56 6.81 -18.93
N TYR C 60 -20.15 5.69 -19.54
CA TYR C 60 -18.73 5.28 -19.52
C TYR C 60 -17.88 6.37 -20.20
N PHE C 61 -18.33 6.93 -21.31
CA PHE C 61 -17.51 7.94 -22.04
C PHE C 61 -17.27 9.14 -21.11
N THR C 62 -18.32 9.62 -20.46
CA THR C 62 -18.29 10.76 -19.53
C THR C 62 -17.26 10.47 -18.44
N TYR C 63 -17.40 9.32 -17.80
CA TYR C 63 -16.52 8.80 -16.74
C TYR C 63 -15.06 8.82 -17.24
N LYS C 64 -14.80 8.30 -18.43
CA LYS C 64 -13.43 8.07 -18.97
C LYS C 64 -12.74 9.42 -19.18
N VAL C 65 -13.42 10.36 -19.82
CA VAL C 65 -12.83 11.70 -20.11
C VAL C 65 -12.67 12.50 -18.80
N ARG C 66 -13.62 12.41 -17.87
CA ARG C 66 -13.57 13.12 -16.57
C ARG C 66 -12.36 12.66 -15.75
N TYR C 67 -12.11 11.35 -15.67
CA TYR C 67 -11.20 10.75 -14.66
C TYR C 67 -9.87 10.30 -15.25
N THR C 68 -9.69 10.33 -16.57
CA THR C 68 -8.39 9.98 -17.21
C THR C 68 -7.40 11.11 -16.94
N ASN C 69 -6.26 10.81 -16.30
CA ASN C 69 -5.15 11.77 -16.00
C ASN C 69 -5.58 12.78 -14.94
N SER C 70 -6.57 12.40 -14.12
CA SER C 70 -6.97 13.12 -12.90
C SER C 70 -6.06 12.62 -11.78
N SER C 71 -5.63 13.53 -10.89
CA SER C 71 -4.85 13.19 -9.66
C SER C 71 -5.82 12.89 -8.51
N THR C 72 -7.11 13.20 -8.67
CA THR C 72 -8.17 13.00 -7.63
C THR C 72 -8.46 11.50 -7.49
N GLU C 73 -9.09 11.10 -6.38
CA GLU C 73 -9.65 9.74 -6.16
C GLU C 73 -10.66 9.47 -7.29
N ILE C 74 -10.66 8.26 -7.85
CA ILE C 74 -11.63 7.96 -8.94
C ILE C 74 -12.61 6.90 -8.43
N PRO C 75 -13.92 7.11 -8.61
CA PRO C 75 -14.89 6.13 -8.15
C PRO C 75 -14.93 4.93 -9.11
N GLU C 76 -15.48 3.82 -8.61
CA GLU C 76 -15.72 2.58 -9.38
C GLU C 76 -16.74 2.94 -10.46
N PHE C 77 -16.59 2.40 -11.68
CA PHE C 77 -17.66 2.40 -12.72
C PHE C 77 -18.65 1.31 -12.31
N PRO C 78 -19.90 1.64 -11.90
CA PRO C 78 -20.83 0.61 -11.44
C PRO C 78 -21.55 -0.03 -12.62
N ILE C 79 -21.71 -1.35 -12.55
CA ILE C 79 -22.44 -2.16 -13.57
C ILE C 79 -23.40 -3.09 -12.83
N ALA C 80 -24.71 -2.91 -12.96
CA ALA C 80 -25.72 -3.82 -12.36
C ALA C 80 -25.55 -5.20 -12.99
N PRO C 81 -25.79 -6.30 -12.24
CA PRO C 81 -25.70 -7.64 -12.80
C PRO C 81 -26.52 -7.83 -14.07
N GLU C 82 -27.70 -7.20 -14.15
CA GLU C 82 -28.70 -7.42 -15.22
C GLU C 82 -28.16 -6.95 -16.58
N ILE C 83 -27.24 -5.98 -16.59
CA ILE C 83 -26.79 -5.34 -17.86
C ILE C 83 -25.38 -5.83 -18.23
N ALA C 84 -24.69 -6.54 -17.32
CA ALA C 84 -23.24 -6.82 -17.42
C ALA C 84 -22.89 -7.57 -18.71
N LEU C 85 -23.66 -8.58 -19.08
CA LEU C 85 -23.42 -9.41 -20.30
C LEU C 85 -23.64 -8.56 -21.56
N GLU C 86 -24.77 -7.88 -21.69
CA GLU C 86 -25.04 -7.01 -22.87
C GLU C 86 -23.98 -5.90 -22.96
N LEU C 87 -23.51 -5.38 -21.82
CA LEU C 87 -22.57 -4.25 -21.82
C LEU C 87 -21.17 -4.72 -22.23
N LEU C 88 -20.77 -5.89 -21.77
CA LEU C 88 -19.52 -6.58 -22.19
C LEU C 88 -19.50 -6.72 -23.72
N MET C 89 -20.57 -7.29 -24.31
CA MET C 89 -20.73 -7.43 -25.80
C MET C 89 -20.70 -6.07 -26.49
N ALA C 90 -21.33 -5.05 -25.92
CA ALA C 90 -21.28 -3.69 -26.47
C ALA C 90 -19.81 -3.19 -26.45
N ALA C 91 -19.14 -3.26 -25.31
CA ALA C 91 -17.74 -2.78 -25.13
C ALA C 91 -16.79 -3.52 -26.08
N ASN C 92 -16.97 -4.83 -26.19
CA ASN C 92 -16.18 -5.69 -27.12
C ASN C 92 -16.36 -5.22 -28.56
N PHE C 93 -17.58 -4.94 -28.99
CA PHE C 93 -17.88 -4.42 -30.35
C PHE C 93 -17.36 -2.97 -30.53
N LEU C 94 -17.52 -2.11 -29.52
CA LEU C 94 -17.24 -0.65 -29.65
C LEU C 94 -15.74 -0.34 -29.48
N ASP C 95 -14.92 -1.30 -29.01
CA ASP C 95 -13.48 -1.12 -28.68
C ASP C 95 -13.31 0.07 -27.71
N CYS C 96 -13.90 -0.02 -26.52
CA CYS C 96 -13.65 0.99 -25.45
C CYS C 96 -13.57 0.33 -24.07
N TYR D 1 40.85 -18.59 16.20
CA TYR D 1 40.35 -19.64 15.24
C TYR D 1 39.94 -19.00 13.92
N GLU D 2 40.89 -18.96 12.97
CA GLU D 2 40.73 -18.56 11.55
C GLU D 2 39.78 -19.53 10.83
N ILE D 3 39.18 -19.07 9.72
CA ILE D 3 38.43 -19.93 8.77
C ILE D 3 38.99 -19.65 7.36
N GLN D 4 38.83 -20.62 6.45
CA GLN D 4 39.33 -20.59 5.05
C GLN D 4 38.43 -19.70 4.19
N ARG D 5 38.92 -18.49 3.87
CA ARG D 5 38.21 -17.46 3.05
C ARG D 5 37.45 -18.08 1.86
N GLU D 6 37.99 -19.13 1.25
CA GLU D 6 37.41 -19.81 0.05
C GLU D 6 36.03 -20.40 0.41
N ARG D 7 35.83 -20.82 1.67
CA ARG D 7 34.58 -21.46 2.15
C ARG D 7 33.57 -20.38 2.58
N ILE D 8 33.88 -19.11 2.32
CA ILE D 8 33.01 -17.90 2.55
C ILE D 8 32.61 -17.32 1.18
N GLU D 9 31.31 -17.33 0.86
CA GLU D 9 30.75 -16.61 -0.32
C GLU D 9 30.12 -15.29 0.16
N LEU D 10 30.82 -14.17 -0.03
CA LEU D 10 30.32 -12.78 0.22
C LEU D 10 29.02 -12.53 -0.57
N GLY D 11 27.93 -12.16 0.12
CA GLY D 11 26.61 -11.82 -0.47
C GLY D 11 26.33 -10.31 -0.43
N ARG D 12 25.05 -9.93 -0.46
CA ARG D 12 24.59 -8.51 -0.45
C ARG D 12 24.94 -7.83 0.88
N CYS D 13 25.13 -6.51 0.83
CA CYS D 13 25.45 -5.64 1.99
C CYS D 13 24.16 -5.38 2.77
N ILE D 14 24.11 -5.76 4.05
CA ILE D 14 22.90 -5.70 4.91
C ILE D 14 23.03 -4.58 5.94
N GLY D 15 24.10 -3.80 5.89
CA GLY D 15 24.33 -2.69 6.82
C GLY D 15 25.76 -2.22 6.84
N GLU D 16 26.04 -1.25 7.70
CA GLU D 16 27.30 -0.49 7.86
C GLU D 16 27.68 -0.48 9.34
N GLY D 17 28.98 -0.47 9.67
CA GLY D 17 29.48 -0.26 11.03
C GLY D 17 30.38 0.96 11.06
N GLN D 18 30.90 1.30 12.25
CA GLN D 18 31.98 2.33 12.45
C GLN D 18 33.16 2.02 11.52
N PHE D 19 33.50 0.74 11.36
CA PHE D 19 34.74 0.26 10.69
C PHE D 19 34.51 0.07 9.19
N GLY D 20 33.55 -0.79 8.81
CA GLY D 20 33.23 -1.04 7.40
C GLY D 20 31.81 -1.55 7.21
N ASP D 21 31.45 -1.86 5.96
CA ASP D 21 30.11 -2.37 5.58
C ASP D 21 29.98 -3.75 6.21
N VAL D 22 28.74 -4.25 6.32
CA VAL D 22 28.43 -5.63 6.80
C VAL D 22 27.69 -6.33 5.67
N HIS D 23 27.97 -7.61 5.44
CA HIS D 23 27.39 -8.38 4.31
C HIS D 23 26.76 -9.65 4.87
N GLN D 24 25.71 -10.17 4.22
CA GLN D 24 25.33 -11.58 4.41
C GLN D 24 26.25 -12.41 3.49
N GLY D 25 26.22 -13.72 3.65
CA GLY D 25 27.17 -14.66 3.04
C GLY D 25 26.86 -16.06 3.49
N ILE D 26 27.56 -17.06 2.96
CA ILE D 26 27.42 -18.50 3.35
C ILE D 26 28.79 -19.00 3.82
N TYR D 27 28.80 -19.99 4.72
CA TYR D 27 30.02 -20.69 5.20
C TYR D 27 29.73 -22.20 5.25
N MET D 28 30.28 -22.96 4.29
CA MET D 28 30.36 -24.45 4.34
C MET D 28 31.68 -24.82 5.00
N SER D 29 31.63 -25.67 6.04
CA SER D 29 32.79 -26.12 6.86
C SER D 29 33.08 -27.59 6.57
N PRO D 30 34.30 -28.09 6.87
CA PRO D 30 34.59 -29.52 6.73
C PRO D 30 33.85 -30.42 7.72
N GLU D 31 33.29 -29.86 8.81
CA GLU D 31 32.65 -30.64 9.90
C GLU D 31 31.11 -30.48 9.88
N ASN D 32 30.54 -29.48 9.19
CA ASN D 32 29.08 -29.22 9.19
C ASN D 32 28.60 -28.71 7.83
N PRO D 33 27.27 -28.76 7.55
CA PRO D 33 26.75 -28.28 6.27
C PRO D 33 26.74 -26.75 6.12
N ALA D 34 26.26 -26.26 4.96
CA ALA D 34 26.15 -24.83 4.60
C ALA D 34 25.51 -24.05 5.77
N LEU D 35 26.07 -22.89 6.11
CA LEU D 35 25.56 -22.01 7.21
C LEU D 35 25.51 -20.55 6.72
N ALA D 36 24.34 -19.93 6.85
CA ALA D 36 24.14 -18.50 6.55
C ALA D 36 24.91 -17.69 7.61
N VAL D 37 25.75 -16.74 7.18
CA VAL D 37 26.61 -15.95 8.11
C VAL D 37 26.52 -14.47 7.74
N ALA D 38 26.84 -13.63 8.71
CA ALA D 38 27.06 -12.17 8.55
C ALA D 38 28.56 -11.94 8.57
N ILE D 39 29.03 -11.08 7.67
CA ILE D 39 30.46 -10.72 7.51
C ILE D 39 30.59 -9.25 7.84
N LYS D 40 31.19 -8.91 8.99
CA LYS D 40 31.68 -7.54 9.25
C LYS D 40 33.01 -7.37 8.51
N THR D 41 33.21 -6.22 7.88
CA THR D 41 34.42 -5.88 7.09
C THR D 41 34.98 -4.58 7.65
N CYS D 42 36.27 -4.36 7.41
CA CYS D 42 37.09 -3.22 7.91
C CYS D 42 37.73 -2.52 6.72
N LYS D 43 37.54 -1.20 6.61
CA LYS D 43 38.15 -0.34 5.56
C LYS D 43 39.67 -0.21 5.79
N ASN D 44 40.10 0.02 7.05
CA ASN D 44 41.51 0.32 7.41
C ASN D 44 42.24 -0.99 7.81
N CYS D 45 43.57 -0.97 7.71
CA CYS D 45 44.49 -2.11 8.00
C CYS D 45 45.73 -1.61 8.77
N THR D 46 45.55 -0.64 9.67
CA THR D 46 46.56 -0.23 10.68
C THR D 46 46.68 -1.33 11.73
N SER D 47 47.91 -1.83 11.96
CA SER D 47 48.21 -3.00 12.84
C SER D 47 47.60 -2.83 14.23
N ASP D 48 48.00 -1.78 14.98
CA ASP D 48 47.69 -1.61 16.43
C ASP D 48 46.53 -0.61 16.63
N SER D 49 46.33 0.34 15.72
CA SER D 49 45.40 1.50 15.89
C SER D 49 43.95 1.11 15.57
N VAL D 50 43.72 0.42 14.45
CA VAL D 50 42.34 0.18 13.93
C VAL D 50 42.07 -1.33 13.86
N ARG D 51 43.01 -2.12 13.34
CA ARG D 51 42.87 -3.60 13.25
C ARG D 51 42.66 -4.19 14.66
N GLU D 52 43.25 -3.59 15.70
CA GLU D 52 43.18 -4.10 17.10
C GLU D 52 41.76 -3.87 17.65
N LYS D 53 41.31 -2.62 17.66
CA LYS D 53 39.97 -2.16 18.12
C LYS D 53 38.84 -2.94 17.42
N PHE D 54 39.07 -3.39 16.18
CA PHE D 54 38.08 -4.08 15.31
C PHE D 54 38.04 -5.58 15.66
N LEU D 55 39.21 -6.20 15.87
CA LEU D 55 39.32 -7.63 16.25
C LEU D 55 38.87 -7.79 17.71
N GLN D 56 39.01 -6.74 18.50
CA GLN D 56 38.46 -6.57 19.88
C GLN D 56 36.97 -6.90 19.89
N GLU D 57 36.19 -6.42 18.89
CA GLU D 57 34.72 -6.64 18.82
C GLU D 57 34.44 -8.14 18.64
N ALA D 58 35.34 -8.89 17.99
CA ALA D 58 35.25 -10.37 17.90
C ALA D 58 35.58 -10.99 19.27
N LEU D 59 36.66 -10.53 19.91
CA LEU D 59 37.08 -10.97 21.27
C LEU D 59 35.88 -10.88 22.24
N THR D 60 35.23 -9.71 22.30
CA THR D 60 34.02 -9.41 23.13
C THR D 60 32.94 -10.49 22.91
N MET D 61 32.63 -10.83 21.65
CA MET D 61 31.54 -11.79 21.33
C MET D 61 32.00 -13.23 21.61
N ARG D 62 33.30 -13.51 21.52
CA ARG D 62 33.88 -14.84 21.84
C ARG D 62 33.60 -15.19 23.31
N GLN D 63 33.57 -14.20 24.21
CA GLN D 63 33.31 -14.37 25.67
C GLN D 63 31.94 -15.02 25.92
N PHE D 64 31.00 -14.92 24.96
CA PHE D 64 29.57 -15.25 25.21
C PHE D 64 29.20 -16.51 24.42
N ASP D 65 28.42 -17.36 25.07
CA ASP D 65 27.84 -18.58 24.47
C ASP D 65 26.41 -18.71 24.99
N HIS D 66 25.43 -18.20 24.24
CA HIS D 66 24.00 -18.18 24.66
C HIS D 66 23.08 -18.32 23.45
N PRO D 67 21.97 -19.09 23.57
CA PRO D 67 21.09 -19.27 22.41
C PRO D 67 20.43 -17.97 21.91
N HIS D 68 20.46 -16.88 22.69
CA HIS D 68 19.80 -15.60 22.30
C HIS D 68 20.83 -14.47 22.25
N ILE D 69 22.09 -14.81 21.93
CA ILE D 69 23.17 -13.86 21.54
C ILE D 69 23.89 -14.40 20.30
N VAL D 70 24.00 -13.60 19.26
CA VAL D 70 24.67 -14.00 18.00
C VAL D 70 26.05 -14.56 18.35
N LYS D 71 26.40 -15.77 17.86
CA LYS D 71 27.73 -16.42 18.08
C LYS D 71 28.75 -15.88 17.07
N LEU D 72 30.01 -15.73 17.49
CA LEU D 72 31.17 -15.56 16.57
C LEU D 72 31.46 -16.93 15.92
N ILE D 73 31.56 -16.98 14.60
CA ILE D 73 31.86 -18.24 13.86
C ILE D 73 33.36 -18.30 13.56
N GLY D 74 33.97 -17.17 13.19
CA GLY D 74 35.43 -17.05 13.08
C GLY D 74 35.83 -15.68 12.58
N VAL D 75 37.15 -15.48 12.40
CA VAL D 75 37.78 -14.23 11.88
C VAL D 75 38.67 -14.58 10.67
N ILE D 76 39.08 -13.57 9.90
CA ILE D 76 40.14 -13.67 8.86
C ILE D 76 41.08 -12.47 9.03
N THR D 77 42.34 -12.71 9.37
CA THR D 77 43.35 -11.68 9.73
C THR D 77 44.04 -11.20 8.44
N GLU D 78 44.35 -12.13 7.53
CA GLU D 78 44.80 -11.85 6.13
C GLU D 78 43.85 -10.80 5.53
N ASN D 79 44.35 -9.94 4.63
CA ASN D 79 43.60 -8.78 4.09
C ASN D 79 42.61 -9.21 3.00
N PRO D 80 41.43 -8.54 2.86
CA PRO D 80 40.92 -7.60 3.87
C PRO D 80 40.35 -8.28 5.12
N VAL D 81 40.54 -7.68 6.30
CA VAL D 81 40.20 -8.29 7.63
C VAL D 81 38.67 -8.31 7.81
N TRP D 82 38.10 -9.49 8.10
CA TRP D 82 36.65 -9.77 8.16
C TRP D 82 36.31 -10.54 9.43
N ILE D 83 35.16 -10.24 10.07
CA ILE D 83 34.63 -11.02 11.23
C ILE D 83 33.35 -11.75 10.81
N ILE D 84 33.29 -13.05 11.06
CA ILE D 84 32.21 -13.95 10.60
C ILE D 84 31.29 -14.27 11.78
N MET D 85 29.99 -13.93 11.65
CA MET D 85 28.98 -14.08 12.71
C MET D 85 27.83 -14.95 12.20
N GLU D 86 27.21 -15.75 13.08
CA GLU D 86 25.88 -16.41 12.87
C GLU D 86 24.94 -15.38 12.25
N LEU D 87 24.23 -15.75 11.17
CA LEU D 87 23.24 -14.85 10.51
C LEU D 87 21.88 -15.11 11.13
N CYS D 88 21.16 -14.04 11.45
CA CYS D 88 19.71 -14.09 11.79
C CYS D 88 18.96 -13.82 10.49
N THR D 89 18.38 -14.86 9.91
CA THR D 89 17.99 -14.87 8.47
C THR D 89 16.74 -13.99 8.31
N LEU D 90 15.94 -13.81 9.37
CA LEU D 90 14.72 -12.96 9.31
C LEU D 90 15.03 -11.49 9.63
N GLY D 91 16.30 -11.09 9.65
CA GLY D 91 16.71 -9.67 9.75
C GLY D 91 16.33 -9.01 11.07
N GLU D 92 16.02 -7.72 11.02
CA GLU D 92 15.94 -6.86 12.24
C GLU D 92 14.54 -6.99 12.87
N LEU D 93 14.44 -6.91 14.20
CA LEU D 93 13.15 -7.11 14.91
C LEU D 93 12.13 -6.04 14.49
N ARG D 94 12.53 -4.78 14.39
CA ARG D 94 11.56 -3.67 14.19
C ARG D 94 10.80 -3.87 12.88
N SER D 95 11.53 -4.01 11.78
CA SER D 95 11.01 -4.33 10.42
C SER D 95 10.11 -5.57 10.49
N PHE D 96 10.58 -6.65 11.12
CA PHE D 96 9.86 -7.95 11.27
C PHE D 96 8.51 -7.73 11.97
N LEU D 97 8.49 -6.97 13.08
CA LEU D 97 7.25 -6.78 13.87
C LEU D 97 6.21 -5.97 13.07
N GLN D 98 6.64 -5.03 12.22
CA GLN D 98 5.72 -4.24 11.37
C GLN D 98 5.15 -5.12 10.26
N VAL D 99 6.01 -5.84 9.56
CA VAL D 99 5.64 -6.81 8.48
C VAL D 99 4.57 -7.78 9.01
N ARG D 100 4.74 -8.28 10.24
CA ARG D 100 3.88 -9.34 10.84
C ARG D 100 2.97 -8.71 11.89
N LYS D 101 2.76 -7.40 11.82
CA LYS D 101 1.95 -6.64 12.78
C LYS D 101 0.56 -7.29 12.93
N TYR D 102 -0.04 -7.79 11.85
CA TYR D 102 -1.45 -8.28 11.83
C TYR D 102 -1.48 -9.82 11.89
N SER D 103 -0.32 -10.47 11.83
CA SER D 103 -0.17 -11.96 11.79
C SER D 103 0.57 -12.54 13.01
N LEU D 104 1.16 -11.71 13.89
CA LEU D 104 1.84 -12.19 15.13
C LEU D 104 0.88 -12.12 16.31
N ASP D 105 0.76 -13.24 17.03
CA ASP D 105 0.03 -13.33 18.31
C ASP D 105 0.85 -12.66 19.42
N LEU D 106 0.14 -12.22 20.45
CA LEU D 106 0.70 -11.67 21.70
C LEU D 106 1.69 -12.66 22.31
N ALA D 107 1.36 -13.96 22.33
CA ALA D 107 2.20 -15.03 22.92
C ALA D 107 3.64 -14.94 22.36
N SER D 108 3.79 -14.82 21.04
CA SER D 108 5.09 -14.64 20.34
C SER D 108 5.80 -13.36 20.81
N LEU D 109 5.07 -12.27 21.00
CA LEU D 109 5.65 -10.98 21.42
C LEU D 109 6.23 -11.17 22.84
N ILE D 110 5.46 -11.81 23.73
CA ILE D 110 5.89 -12.08 25.12
C ILE D 110 7.09 -13.04 25.07
N LEU D 111 7.08 -14.02 24.16
CA LEU D 111 8.21 -14.96 23.97
C LEU D 111 9.49 -14.16 23.68
N TYR D 112 9.45 -13.22 22.74
CA TYR D 112 10.65 -12.41 22.38
C TYR D 112 11.15 -11.69 23.65
N ALA D 113 10.26 -11.11 24.44
CA ALA D 113 10.65 -10.43 25.70
C ALA D 113 11.34 -11.45 26.61
N TYR D 114 10.71 -12.61 26.81
CA TYR D 114 11.26 -13.70 27.65
C TYR D 114 12.70 -14.01 27.20
N GLN D 115 12.89 -14.29 25.92
CA GLN D 115 14.19 -14.78 25.37
C GLN D 115 15.27 -13.71 25.60
N LEU D 116 14.94 -12.43 25.42
CA LEU D 116 15.90 -11.32 25.62
C LEU D 116 16.26 -11.23 27.11
N SER D 117 15.27 -11.45 27.98
CA SER D 117 15.46 -11.50 29.44
C SER D 117 16.48 -12.60 29.75
N THR D 118 16.43 -13.76 29.06
CA THR D 118 17.37 -14.87 29.35
C THR D 118 18.79 -14.43 28.96
N ALA D 119 18.97 -13.81 27.80
CA ALA D 119 20.29 -13.28 27.37
C ALA D 119 20.79 -12.23 28.36
N LEU D 120 19.91 -11.41 28.93
CA LEU D 120 20.36 -10.27 29.77
C LEU D 120 20.71 -10.77 31.18
N ALA D 121 19.95 -11.72 31.73
CA ALA D 121 20.28 -12.44 32.99
C ALA D 121 21.66 -13.08 32.85
N TYR D 122 21.93 -13.69 31.70
CA TYR D 122 23.25 -14.28 31.39
C TYR D 122 24.34 -13.19 31.41
N LEU D 123 24.10 -12.05 30.76
CA LEU D 123 25.13 -10.99 30.63
C LEU D 123 25.51 -10.46 32.02
N GLU D 124 24.52 -10.33 32.88
CA GLU D 124 24.66 -9.84 34.28
C GLU D 124 25.53 -10.81 35.08
N SER D 125 25.35 -12.12 34.86
CA SER D 125 26.13 -13.22 35.48
C SER D 125 27.61 -13.14 35.05
N LYS D 126 27.91 -12.61 33.86
CA LYS D 126 29.30 -12.36 33.39
C LYS D 126 29.81 -11.00 33.88
N ARG D 127 29.06 -10.30 34.75
CA ARG D 127 29.33 -8.91 35.23
C ARG D 127 29.46 -7.95 34.03
N PHE D 128 28.66 -8.16 32.98
CA PHE D 128 28.74 -7.40 31.70
C PHE D 128 27.49 -6.53 31.53
N VAL D 129 27.71 -5.24 31.34
CA VAL D 129 26.66 -4.20 31.15
C VAL D 129 26.60 -3.89 29.65
N HIS D 130 25.45 -4.15 29.02
CA HIS D 130 25.25 -4.04 27.56
C HIS D 130 25.22 -2.57 27.13
N ARG D 131 24.41 -1.75 27.83
CA ARG D 131 24.29 -0.27 27.60
C ARG D 131 23.46 0.09 26.36
N ASP D 132 23.08 -0.86 25.49
CA ASP D 132 22.52 -0.51 24.15
C ASP D 132 21.34 -1.44 23.83
N ILE D 133 20.52 -1.70 24.85
CA ILE D 133 19.33 -2.58 24.73
C ILE D 133 18.21 -1.74 24.08
N ALA D 134 17.80 -2.16 22.89
CA ALA D 134 16.71 -1.52 22.12
C ALA D 134 16.32 -2.47 21.01
N ALA D 135 15.11 -2.31 20.47
CA ALA D 135 14.53 -3.23 19.49
C ALA D 135 15.43 -3.23 18.25
N ARG D 136 15.97 -2.07 17.90
CA ARG D 136 16.87 -1.86 16.73
C ARG D 136 18.05 -2.86 16.77
N ASN D 137 18.43 -3.34 17.96
CA ASN D 137 19.68 -4.14 18.14
C ASN D 137 19.32 -5.61 18.30
N VAL D 138 18.04 -5.94 18.20
CA VAL D 138 17.56 -7.34 18.34
C VAL D 138 17.31 -7.88 16.93
N LEU D 139 17.66 -9.15 16.70
CA LEU D 139 17.65 -9.80 15.37
C LEU D 139 16.80 -11.04 15.46
N VAL D 140 16.23 -11.46 14.34
CA VAL D 140 15.22 -12.56 14.33
C VAL D 140 15.85 -13.71 13.56
N SER D 141 16.09 -14.84 14.24
CA SER D 141 16.68 -16.08 13.68
C SER D 141 15.58 -16.93 13.03
N SER D 142 14.41 -16.97 13.64
CA SER D 142 13.19 -17.68 13.14
C SER D 142 11.99 -17.02 13.80
N ASN D 143 10.79 -17.55 13.56
CA ASN D 143 9.50 -17.00 14.07
C ASN D 143 9.47 -17.11 15.60
N ASP D 144 10.22 -18.05 16.16
CA ASP D 144 10.17 -18.39 17.61
C ASP D 144 11.54 -18.11 18.27
N CYS D 145 12.40 -17.27 17.68
CA CYS D 145 13.77 -17.01 18.18
C CYS D 145 14.31 -15.62 17.80
N VAL D 146 14.58 -14.78 18.80
CA VAL D 146 15.28 -13.48 18.60
C VAL D 146 16.63 -13.58 19.33
N LYS D 147 17.58 -12.74 18.96
CA LYS D 147 18.91 -12.71 19.59
C LYS D 147 19.37 -11.26 19.69
N LEU D 148 20.10 -10.93 20.75
CA LEU D 148 20.89 -9.70 20.77
C LEU D 148 21.85 -9.78 19.58
N GLY D 149 22.08 -8.67 18.87
CA GLY D 149 23.03 -8.62 17.74
C GLY D 149 24.43 -8.28 18.17
N ASP D 150 25.29 -7.99 17.20
CA ASP D 150 26.71 -7.67 17.45
C ASP D 150 26.80 -6.52 18.45
N PHE D 151 27.61 -6.67 19.51
CA PHE D 151 27.81 -5.61 20.52
C PHE D 151 28.45 -4.38 19.87
N GLY D 152 29.46 -4.54 19.01
CA GLY D 152 30.11 -3.42 18.30
C GLY D 152 29.12 -2.63 17.45
N LEU D 153 28.29 -3.33 16.66
CA LEU D 153 27.30 -2.69 15.74
C LEU D 153 26.11 -2.12 16.53
N SER D 154 25.90 -2.55 17.78
CA SER D 154 24.82 -2.07 18.66
C SER D 154 25.07 -0.65 19.18
N ARG D 155 26.34 -0.19 19.22
CA ARG D 155 26.72 1.05 19.96
C ARG D 155 26.06 2.28 19.32
N TYR D 156 25.27 3.03 20.11
CA TYR D 156 24.74 4.38 19.81
C TYR D 156 23.88 4.41 18.53
N MET D 157 23.36 3.27 18.07
CA MET D 157 22.56 3.14 16.82
C MET D 157 21.09 2.82 17.14
N GLU D 158 20.64 3.00 18.39
CA GLU D 158 19.22 2.81 18.83
C GLU D 158 18.29 3.71 17.99
N ASP D 159 18.77 4.91 17.62
CA ASP D 159 18.16 5.92 16.70
C ASP D 159 16.91 6.52 17.37
N LYS D 169 25.27 9.18 18.19
CA LYS D 169 24.37 10.03 19.03
C LYS D 169 23.88 9.19 20.22
N LEU D 170 23.77 9.82 21.39
CA LEU D 170 23.45 9.17 22.69
C LEU D 170 21.97 8.77 22.69
N PRO D 171 21.60 7.51 23.01
CA PRO D 171 20.21 7.07 22.89
C PRO D 171 19.36 7.48 24.11
N ILE D 172 19.10 8.79 24.25
CA ILE D 172 18.49 9.39 25.46
C ILE D 172 17.16 8.69 25.77
N LYS D 173 16.35 8.38 24.76
CA LYS D 173 14.94 7.93 24.97
C LYS D 173 14.87 6.48 25.47
N TRP D 174 15.99 5.75 25.46
CA TRP D 174 16.11 4.35 25.98
C TRP D 174 16.81 4.34 27.34
N MET D 175 17.47 5.43 27.71
CA MET D 175 18.45 5.42 28.83
C MET D 175 17.72 5.62 30.16
N ALA D 176 18.18 4.89 31.17
CA ALA D 176 17.82 5.09 32.59
C ALA D 176 18.22 6.51 32.99
N PRO D 177 17.44 7.13 33.88
CA PRO D 177 17.78 8.45 34.41
C PRO D 177 19.23 8.57 34.92
N GLU D 178 19.72 7.56 35.64
CA GLU D 178 21.06 7.60 36.26
C GLU D 178 22.13 7.53 35.17
N SER D 179 21.78 7.07 33.97
CA SER D 179 22.73 7.03 32.83
C SER D 179 22.76 8.42 32.19
N ILE D 180 21.60 9.06 32.05
CA ILE D 180 21.48 10.46 31.54
C ILE D 180 22.14 11.41 32.54
N ASN D 181 21.88 11.24 33.85
CA ASN D 181 22.23 12.21 34.91
C ASN D 181 23.68 12.03 35.35
N PHE D 182 24.16 10.79 35.53
CA PHE D 182 25.46 10.47 36.16
C PHE D 182 26.37 9.63 35.25
N ARG D 183 25.93 9.32 34.02
CA ARG D 183 26.57 8.30 33.15
C ARG D 183 26.87 7.05 34.00
N ARG D 184 25.93 6.63 34.83
CA ARG D 184 26.06 5.34 35.55
C ARG D 184 25.40 4.26 34.68
N PHE D 185 26.12 3.15 34.50
CA PHE D 185 25.75 2.00 33.64
C PHE D 185 25.93 0.70 34.42
N THR D 186 24.81 0.14 34.86
CA THR D 186 24.71 -1.09 35.66
C THR D 186 23.70 -2.02 35.00
N SER D 187 23.53 -3.21 35.57
CA SER D 187 22.48 -4.19 35.19
C SER D 187 21.11 -3.54 35.40
N ALA D 188 20.96 -2.75 36.46
CA ALA D 188 19.71 -2.08 36.84
C ALA D 188 19.38 -1.03 35.78
N SER D 189 20.39 -0.39 35.16
CA SER D 189 20.13 0.54 34.04
C SER D 189 19.82 -0.25 32.75
N ASP D 190 20.41 -1.44 32.57
CA ASP D 190 20.06 -2.39 31.48
C ASP D 190 18.59 -2.80 31.64
N VAL D 191 18.12 -2.93 32.86
CA VAL D 191 16.71 -3.34 33.16
C VAL D 191 15.76 -2.24 32.70
N TRP D 192 16.10 -0.98 32.93
CA TRP D 192 15.31 0.15 32.39
C TRP D 192 15.22 0.05 30.87
N MET D 193 16.36 -0.06 30.19
CA MET D 193 16.41 -0.12 28.71
C MET D 193 15.55 -1.31 28.25
N PHE D 194 15.69 -2.46 28.94
CA PHE D 194 14.88 -3.66 28.65
C PHE D 194 13.40 -3.32 28.71
N GLY D 195 12.94 -2.58 29.73
CA GLY D 195 11.54 -2.14 29.83
C GLY D 195 11.10 -1.41 28.57
N VAL D 196 11.96 -0.53 28.06
CA VAL D 196 11.66 0.27 26.84
C VAL D 196 11.59 -0.68 25.62
N CYS D 197 12.56 -1.57 25.49
CA CYS D 197 12.60 -2.61 24.42
C CYS D 197 11.31 -3.45 24.44
N MET D 198 10.79 -3.77 25.61
CA MET D 198 9.53 -4.56 25.76
C MET D 198 8.36 -3.74 25.22
N TRP D 199 8.35 -2.44 25.55
CA TRP D 199 7.38 -1.45 25.04
C TRP D 199 7.47 -1.44 23.51
N GLU D 200 8.67 -1.26 22.96
CA GLU D 200 8.91 -1.29 21.50
C GLU D 200 8.30 -2.55 20.89
N ILE D 201 8.56 -3.72 21.46
CA ILE D 201 8.08 -5.01 20.89
C ILE D 201 6.54 -5.01 20.85
N LEU D 202 5.88 -4.68 21.96
CA LEU D 202 4.40 -4.66 22.10
C LEU D 202 3.80 -3.58 21.18
N MET D 203 4.52 -2.50 20.88
CA MET D 203 4.06 -1.41 19.98
C MET D 203 4.45 -1.74 18.52
N HIS D 204 5.02 -2.92 18.27
CA HIS D 204 5.33 -3.43 16.90
C HIS D 204 6.44 -2.57 16.26
N GLY D 205 7.37 -2.08 17.08
CA GLY D 205 8.59 -1.41 16.59
C GLY D 205 8.43 0.08 16.44
N VAL D 206 7.36 0.65 16.97
CA VAL D 206 7.25 2.13 17.18
C VAL D 206 8.37 2.54 18.15
N LYS D 207 9.11 3.60 17.84
CA LYS D 207 10.16 4.15 18.75
C LYS D 207 9.47 4.83 19.92
N PRO D 208 10.10 4.86 21.11
CA PRO D 208 9.55 5.54 22.26
C PRO D 208 9.75 7.07 22.14
N PHE D 209 8.85 7.84 22.73
CA PHE D 209 8.92 9.32 22.85
C PHE D 209 9.04 9.97 21.46
N GLN D 210 8.32 9.45 20.45
CA GLN D 210 8.17 10.13 19.13
C GLN D 210 7.70 11.58 19.36
N GLY D 211 8.36 12.54 18.70
CA GLY D 211 7.96 13.96 18.70
C GLY D 211 8.41 14.72 19.93
N VAL D 212 9.22 14.08 20.80
CA VAL D 212 9.78 14.72 22.02
C VAL D 212 11.27 14.95 21.78
N LYS D 213 11.79 16.12 22.15
CA LYS D 213 13.22 16.47 21.98
C LYS D 213 14.02 15.75 23.07
N ASN D 214 15.11 15.10 22.68
CA ASN D 214 16.09 14.43 23.57
C ASN D 214 16.26 15.23 24.88
N ASN D 215 16.43 16.56 24.81
CA ASN D 215 16.73 17.42 25.98
C ASN D 215 15.55 17.48 26.97
N ASP D 216 14.33 17.16 26.53
CA ASP D 216 13.08 17.23 27.34
C ASP D 216 12.70 15.88 27.98
N VAL D 217 13.37 14.79 27.57
CA VAL D 217 13.04 13.41 28.06
C VAL D 217 13.26 13.37 29.58
N ILE D 218 14.43 13.77 30.07
CA ILE D 218 14.78 13.59 31.51
C ILE D 218 13.79 14.36 32.40
N GLY D 219 13.39 15.59 32.02
CA GLY D 219 12.39 16.39 32.75
C GLY D 219 11.05 15.66 32.79
N ARG D 220 10.64 15.08 31.67
CA ARG D 220 9.40 14.26 31.62
C ARG D 220 9.57 13.05 32.55
N ILE D 221 10.70 12.33 32.47
CA ILE D 221 10.94 11.14 33.36
C ILE D 221 10.80 11.61 34.81
N GLU D 222 11.37 12.76 35.14
CA GLU D 222 11.49 13.23 36.56
C GLU D 222 10.13 13.72 37.07
N ASN D 223 9.21 14.04 36.17
CA ASN D 223 7.80 14.42 36.48
C ASN D 223 6.92 13.17 36.67
N GLY D 224 7.49 11.97 36.55
CA GLY D 224 6.77 10.70 36.70
C GLY D 224 6.10 10.23 35.41
N GLU D 225 6.38 10.86 34.28
CA GLU D 225 5.81 10.40 32.98
C GLU D 225 6.56 9.14 32.52
N ARG D 226 5.80 8.22 31.93
CA ARG D 226 6.29 6.92 31.42
C ARG D 226 5.61 6.66 30.07
N LEU D 227 6.17 5.78 29.25
CA LEU D 227 5.52 5.29 28.02
C LEU D 227 4.20 4.64 28.41
N PRO D 228 3.10 4.88 27.65
CA PRO D 228 1.77 4.47 28.07
C PRO D 228 1.57 2.98 27.73
N MET D 229 0.58 2.34 28.36
CA MET D 229 0.21 0.92 28.14
C MET D 229 -0.09 0.67 26.66
N PRO D 230 0.72 -0.15 25.95
CA PRO D 230 0.39 -0.53 24.58
C PRO D 230 -1.00 -1.13 24.46
N PRO D 231 -1.72 -0.85 23.36
CA PRO D 231 -2.92 -1.61 23.01
C PRO D 231 -2.66 -3.12 23.07
N ASN D 232 -3.54 -3.90 23.70
CA ASN D 232 -3.47 -5.39 23.69
C ASN D 232 -2.28 -5.87 24.55
N CYS D 233 -1.73 -5.01 25.40
CA CYS D 233 -0.73 -5.38 26.44
C CYS D 233 -1.47 -5.87 27.68
N PRO D 234 -1.21 -7.08 28.20
CA PRO D 234 -1.86 -7.56 29.42
C PRO D 234 -1.49 -6.60 30.55
N PRO D 235 -2.44 -6.25 31.45
CA PRO D 235 -2.15 -5.35 32.56
C PRO D 235 -0.95 -5.78 33.42
N THR D 236 -0.79 -7.09 33.62
CA THR D 236 0.30 -7.72 34.41
C THR D 236 1.63 -7.40 33.74
N LEU D 237 1.67 -7.38 32.40
CA LEU D 237 2.92 -7.10 31.66
C LEU D 237 3.26 -5.59 31.79
N TYR D 238 2.26 -4.71 31.69
CA TYR D 238 2.48 -3.26 31.75
C TYR D 238 2.96 -2.90 33.15
N SER D 239 2.43 -3.61 34.16
CA SER D 239 2.83 -3.49 35.58
C SER D 239 4.31 -3.89 35.73
N LEU D 240 4.76 -4.88 34.96
CA LEU D 240 6.18 -5.35 34.99
C LEU D 240 7.08 -4.27 34.39
N MET D 241 6.71 -3.73 33.23
CA MET D 241 7.41 -2.60 32.56
C MET D 241 7.55 -1.43 33.54
N THR D 242 6.47 -1.02 34.18
CA THR D 242 6.40 0.11 35.14
C THR D 242 7.47 -0.08 36.21
N LYS D 243 7.62 -1.31 36.71
CA LYS D 243 8.63 -1.62 37.76
C LYS D 243 10.02 -1.45 37.15
N CYS D 244 10.23 -1.81 35.88
CA CYS D 244 11.54 -1.66 35.19
C CYS D 244 11.90 -0.17 35.13
N TRP D 245 10.88 0.69 35.14
CA TRP D 245 11.06 2.16 35.00
C TRP D 245 10.91 2.86 36.36
N ALA D 246 11.17 2.15 37.46
CA ALA D 246 11.40 2.76 38.79
C ALA D 246 12.57 3.75 38.67
N TYR D 247 12.35 5.01 39.06
CA TYR D 247 13.39 6.06 39.03
C TYR D 247 14.61 5.58 39.84
N ASP D 248 14.33 4.96 40.97
CA ASP D 248 15.36 4.44 41.90
C ASP D 248 15.82 3.08 41.38
N PRO D 249 17.08 2.97 40.92
CA PRO D 249 17.60 1.73 40.33
C PRO D 249 17.35 0.45 41.16
N SER D 250 17.46 0.54 42.49
CA SER D 250 17.42 -0.65 43.38
C SER D 250 15.97 -1.08 43.64
N ARG D 251 14.97 -0.33 43.17
CA ARG D 251 13.53 -0.73 43.24
C ARG D 251 13.13 -1.50 41.96
N ARG D 252 14.02 -1.58 40.96
CA ARG D 252 13.76 -2.33 39.70
C ARG D 252 13.96 -3.81 39.95
N PRO D 253 13.21 -4.68 39.24
CA PRO D 253 13.41 -6.12 39.33
C PRO D 253 14.80 -6.45 38.73
N ARG D 254 15.38 -7.56 39.13
CA ARG D 254 16.58 -8.16 38.50
C ARG D 254 16.09 -8.93 37.26
N PHE D 255 16.97 -9.12 36.28
CA PHE D 255 16.71 -9.89 35.04
C PHE D 255 16.20 -11.29 35.41
N THR D 256 16.71 -11.83 36.51
CA THR D 256 16.29 -13.12 37.14
C THR D 256 14.78 -13.08 37.38
N GLU D 257 14.25 -12.03 38.00
CA GLU D 257 12.83 -11.93 38.41
C GLU D 257 11.98 -11.66 37.15
N LEU D 258 12.53 -10.93 36.19
CA LEU D 258 11.86 -10.61 34.91
C LEU D 258 11.70 -11.90 34.13
N LYS D 259 12.74 -12.73 34.13
CA LYS D 259 12.73 -14.06 33.46
C LYS D 259 11.57 -14.91 33.99
N ALA D 260 11.45 -15.04 35.31
CA ALA D 260 10.38 -15.81 35.99
C ALA D 260 9.02 -15.20 35.68
N GLN D 261 8.87 -13.88 35.81
CA GLN D 261 7.53 -13.25 35.69
C GLN D 261 7.08 -13.27 34.22
N LEU D 262 8.00 -13.10 33.27
CA LEU D 262 7.73 -13.15 31.81
C LEU D 262 7.28 -14.55 31.43
N SER D 263 7.93 -15.56 32.00
CA SER D 263 7.62 -17.00 31.76
C SER D 263 6.17 -17.27 32.20
N THR D 264 5.77 -16.79 33.38
CA THR D 264 4.39 -16.88 33.95
C THR D 264 3.37 -16.14 33.09
N ILE D 265 3.69 -14.93 32.62
CA ILE D 265 2.79 -14.12 31.75
C ILE D 265 2.68 -14.82 30.40
N LEU D 266 3.79 -15.33 29.85
CA LEU D 266 3.79 -16.15 28.62
C LEU D 266 2.84 -17.35 28.79
N GLU D 267 3.03 -18.19 29.78
CA GLU D 267 2.17 -19.38 29.97
C GLU D 267 0.71 -18.93 30.16
N GLU D 268 0.47 -17.88 30.94
CA GLU D 268 -0.90 -17.35 31.20
C GLU D 268 -1.56 -16.98 29.86
N GLU D 269 -0.78 -16.44 28.92
CA GLU D 269 -1.28 -16.04 27.57
C GLU D 269 -1.52 -17.29 26.70
N LYS D 270 -0.55 -18.21 26.59
CA LYS D 270 -0.68 -19.49 25.80
C LYS D 270 -1.95 -20.24 26.21
N ALA D 271 -2.30 -20.22 27.51
CA ALA D 271 -3.42 -20.94 28.14
C ALA D 271 -4.77 -20.29 27.82
N GLN D 272 -4.76 -19.10 27.22
CA GLN D 272 -5.97 -18.27 26.95
C GLN D 272 -6.31 -18.35 25.44
N GLN D 273 -5.33 -18.69 24.59
CA GLN D 273 -5.46 -18.71 23.11
C GLN D 273 -4.75 -19.95 22.54
#